data_1MVU
#
_entry.id   1MVU
#
_cell.length_a   41.733
_cell.length_b   50.967
_cell.length_c   58.636
_cell.angle_alpha   90.00
_cell.angle_beta   93.89
_cell.angle_gamma   90.00
#
_symmetry.space_group_name_H-M   'P 1 21 1'
#
loop_
_entity.id
_entity.type
_entity.pdbx_description
1 polymer 'Ig kappa-chain VJ-region (Light chain)'
2 polymer 'Ig VDJ-region (HEAVY CHAIN)'
3 polymer P-GLYCOPROTEIN
4 non-polymer 'SULFATE ION'
5 water water
#
loop_
_entity_poly.entity_id
_entity_poly.type
_entity_poly.pdbx_seq_one_letter_code
_entity_poly.pdbx_strand_id
1 'polypeptide(L)'
;DIVMTQSPSSLTVTAGEKVTMSCKSSQSLLNSGNQKNYLTWYQQKPGQPPKLLIYWASTRESGVPDRFTGSGSGTDFTLT
ISSVQAEDLAVYYCQNDYSYPLTFGAGTKLEPKR
;
A
2 'polypeptide(L)'
;EVQLQQSGAELVRPGASVKLSCTASGFNIKDDFMHWVKQRPEQGLEWIGRIDPANDNTKYAPKFQDKATIIADTSSNTAY
LQLSSLTSEDTAVYYCARRELYSYYSPLDVWGAGTTVTVPS
;
B
3 'polypeptide(L)' VVQEALDKAREGR P
#
loop_
_chem_comp.id
_chem_comp.type
_chem_comp.name
_chem_comp.formula
SO4 non-polymer 'SULFATE ION' 'O4 S -2'
#
# COMPACT_ATOMS: atom_id res chain seq x y z
N ASP A 1 -15.68 -7.79 1.98
CA ASP A 1 -14.52 -7.15 1.30
C ASP A 1 -14.95 -5.93 0.50
N ILE A 2 -14.19 -4.84 0.64
CA ILE A 2 -14.52 -3.60 -0.08
C ILE A 2 -13.84 -3.55 -1.45
N VAL A 3 -14.66 -3.44 -2.49
CA VAL A 3 -14.15 -3.36 -3.86
C VAL A 3 -13.97 -1.90 -4.25
N MET A 4 -12.79 -1.56 -4.76
CA MET A 4 -12.50 -0.19 -5.18
C MET A 4 -12.50 -0.14 -6.71
N THR A 5 -13.37 0.70 -7.27
CA THR A 5 -13.48 0.82 -8.73
C THR A 5 -13.00 2.17 -9.22
N GLN A 6 -11.92 2.16 -9.99
CA GLN A 6 -11.34 3.39 -10.53
C GLN A 6 -11.64 3.56 -12.02
N SER A 7 -11.87 4.81 -12.41
CA SER A 7 -12.15 5.12 -13.80
C SER A 7 -11.63 6.53 -14.08
N PRO A 8 -11.14 6.78 -15.30
CA PRO A 8 -11.05 5.82 -16.40
C PRO A 8 -9.86 4.89 -16.15
N SER A 9 -9.81 3.77 -16.86
CA SER A 9 -8.70 2.83 -16.69
C SER A 9 -7.40 3.48 -17.16
N SER A 10 -7.50 4.32 -18.18
CA SER A 10 -6.32 5.00 -18.70
C SER A 10 -6.72 6.35 -19.26
N LEU A 11 -5.75 7.24 -19.40
CA LEU A 11 -6.00 8.57 -19.92
C LEU A 11 -4.75 9.09 -20.63
N THR A 12 -4.92 9.54 -21.87
CA THR A 12 -3.81 10.08 -22.63
C THR A 12 -3.75 11.56 -22.26
N VAL A 13 -2.62 11.99 -21.68
CA VAL A 13 -2.49 13.37 -21.23
C VAL A 13 -1.42 14.18 -21.94
N THR A 14 -1.57 15.50 -21.86
CA THR A 14 -0.63 16.44 -22.44
C THR A 14 -0.19 17.37 -21.32
N ALA A 15 0.99 17.98 -21.47
CA ALA A 15 1.50 18.88 -20.45
C ALA A 15 0.54 20.05 -20.23
N GLY A 16 0.33 20.41 -18.97
CA GLY A 16 -0.55 21.51 -18.64
C GLY A 16 -2.03 21.20 -18.64
N GLU A 17 -2.38 19.97 -19.01
CA GLU A 17 -3.78 19.56 -19.05
C GLU A 17 -4.34 19.32 -17.65
N LYS A 18 -5.62 19.62 -17.45
CA LYS A 18 -6.27 19.37 -16.16
C LYS A 18 -6.95 18.03 -16.29
N VAL A 19 -6.74 17.15 -15.32
CA VAL A 19 -7.37 15.83 -15.38
C VAL A 19 -7.97 15.42 -14.04
N THR A 20 -9.03 14.62 -14.13
CA THR A 20 -9.70 14.13 -12.93
C THR A 20 -9.84 12.62 -13.06
N MET A 21 -9.69 11.92 -11.94
CA MET A 21 -9.79 10.47 -11.92
C MET A 21 -10.77 10.12 -10.80
N SER A 22 -11.59 9.11 -11.02
CA SER A 22 -12.57 8.71 -10.03
C SER A 22 -12.27 7.39 -9.36
N CYS A 23 -12.66 7.29 -8.09
CA CYS A 23 -12.47 6.09 -7.30
C CYS A 23 -13.72 5.92 -6.43
N LYS A 24 -14.44 4.83 -6.64
CA LYS A 24 -15.67 4.54 -5.92
C LYS A 24 -15.55 3.25 -5.12
N SER A 25 -15.97 3.30 -3.86
CA SER A 25 -15.91 2.13 -2.99
C SER A 25 -17.29 1.48 -2.89
N SER A 26 -17.30 0.15 -2.71
CA SER A 26 -18.55 -0.61 -2.61
C SER A 26 -19.22 -0.43 -1.25
N GLN A 27 -18.46 0.11 -0.29
CA GLN A 27 -18.96 0.38 1.06
C GLN A 27 -18.37 1.72 1.49
N SER A 28 -19.07 2.46 2.34
CA SER A 28 -18.55 3.75 2.79
C SER A 28 -17.23 3.60 3.54
N LEU A 29 -16.32 4.53 3.29
CA LEU A 29 -15.00 4.53 3.94
C LEU A 29 -14.95 5.60 5.03
N LEU A 30 -16.10 6.21 5.31
CA LEU A 30 -16.18 7.25 6.34
C LEU A 30 -16.30 6.65 7.73
N ASN A 31 -15.32 6.96 8.58
CA ASN A 31 -15.32 6.46 9.95
C ASN A 31 -16.22 7.40 10.75
N SER A 32 -17.38 6.92 11.16
CA SER A 32 -18.34 7.73 11.91
C SER A 32 -17.78 8.23 13.25
N GLY A 33 -16.77 7.54 13.76
CA GLY A 33 -16.18 7.92 15.03
C GLY A 33 -15.35 9.19 14.99
N ASN A 34 -14.75 9.48 13.84
CA ASN A 34 -13.91 10.67 13.70
C ASN A 34 -14.20 11.46 12.43
N GLN A 35 -15.27 11.08 11.74
CA GLN A 35 -15.68 11.75 10.50
C GLN A 35 -14.59 11.93 9.45
N LYS A 36 -13.71 10.94 9.34
CA LYS A 36 -12.65 11.00 8.35
C LYS A 36 -12.81 9.82 7.40
N ASN A 37 -12.59 10.08 6.11
CA ASN A 37 -12.70 9.03 5.09
C ASN A 37 -11.35 8.35 4.94
N TYR A 38 -11.33 7.05 5.17
CA TYR A 38 -10.08 6.31 5.07
C TYR A 38 -9.78 5.88 3.65
N LEU A 39 -9.48 6.87 2.82
CA LEU A 39 -9.17 6.68 1.41
C LEU A 39 -7.80 7.30 1.13
N THR A 40 -6.89 6.49 0.59
CA THR A 40 -5.54 6.95 0.28
C THR A 40 -5.26 6.87 -1.22
N TRP A 41 -4.52 7.85 -1.72
CA TRP A 41 -4.14 7.88 -3.14
C TRP A 41 -2.62 7.70 -3.25
N TYR A 42 -2.20 6.88 -4.20
CA TYR A 42 -0.78 6.64 -4.46
C TYR A 42 -0.47 6.88 -5.93
N GLN A 43 0.80 7.15 -6.20
CA GLN A 43 1.28 7.35 -7.56
C GLN A 43 2.39 6.32 -7.72
N GLN A 44 2.33 5.52 -8.78
CA GLN A 44 3.37 4.52 -9.00
C GLN A 44 3.98 4.60 -10.39
N LYS A 45 5.27 4.88 -10.45
CA LYS A 45 5.99 4.98 -11.71
C LYS A 45 6.64 3.63 -12.03
N PRO A 46 6.98 3.39 -13.30
CA PRO A 46 7.62 2.14 -13.72
C PRO A 46 8.84 1.75 -12.89
N GLY A 47 8.88 0.50 -12.43
CA GLY A 47 10.01 0.01 -11.65
C GLY A 47 10.16 0.61 -10.26
N GLN A 48 9.13 1.33 -9.81
CA GLN A 48 9.17 1.96 -8.49
C GLN A 48 7.98 1.53 -7.65
N PRO A 49 8.09 1.64 -6.33
CA PRO A 49 6.98 1.25 -5.46
C PRO A 49 5.96 2.38 -5.44
N PRO A 50 4.76 2.13 -4.90
CA PRO A 50 3.74 3.17 -4.84
C PRO A 50 4.28 4.30 -3.97
N LYS A 51 3.90 5.53 -4.30
CA LYS A 51 4.33 6.70 -3.52
C LYS A 51 3.07 7.37 -2.97
N LEU A 52 3.05 7.59 -1.67
CA LEU A 52 1.90 8.23 -1.03
C LEU A 52 1.69 9.66 -1.53
N LEU A 53 0.46 9.97 -1.90
CA LEU A 53 0.14 11.32 -2.36
C LEU A 53 -0.79 12.02 -1.37
N ILE A 54 -1.94 11.41 -1.13
CA ILE A 54 -2.96 11.97 -0.25
C ILE A 54 -3.60 10.90 0.61
N TYR A 55 -3.94 11.26 1.84
CA TYR A 55 -4.62 10.33 2.73
C TYR A 55 -5.84 11.02 3.35
N TRP A 56 -6.74 10.23 3.92
CA TRP A 56 -7.97 10.76 4.49
C TRP A 56 -8.71 11.59 3.44
N ALA A 57 -8.68 11.07 2.22
CA ALA A 57 -9.34 11.65 1.06
C ALA A 57 -8.80 12.98 0.53
N SER A 58 -8.45 13.91 1.41
CA SER A 58 -8.00 15.21 0.94
C SER A 58 -6.72 15.80 1.55
N THR A 59 -6.09 15.08 2.48
CA THR A 59 -4.88 15.59 3.09
C THR A 59 -3.64 15.24 2.28
N ARG A 60 -2.94 16.27 1.78
CA ARG A 60 -1.73 16.04 0.99
C ARG A 60 -0.54 15.72 1.90
N GLU A 61 0.22 14.71 1.52
CA GLU A 61 1.40 14.33 2.27
C GLU A 61 2.44 15.43 2.02
N SER A 62 3.22 15.77 3.04
CA SER A 62 4.23 16.81 2.89
C SER A 62 5.14 16.52 1.69
N GLY A 63 5.43 17.57 0.92
CA GLY A 63 6.29 17.38 -0.23
C GLY A 63 5.53 17.19 -1.54
N VAL A 64 4.29 16.75 -1.44
CA VAL A 64 3.47 16.52 -2.63
C VAL A 64 3.00 17.87 -3.17
N PRO A 65 3.26 18.12 -4.47
CA PRO A 65 2.85 19.38 -5.10
C PRO A 65 1.36 19.70 -4.98
N ASP A 66 1.05 20.99 -4.92
CA ASP A 66 -0.32 21.46 -4.80
C ASP A 66 -1.21 21.16 -5.99
N ARG A 67 -0.62 20.78 -7.12
CA ARG A 67 -1.42 20.48 -8.30
C ARG A 67 -2.22 19.21 -8.11
N PHE A 68 -1.91 18.48 -7.05
CA PHE A 68 -2.61 17.24 -6.71
C PHE A 68 -3.63 17.55 -5.64
N THR A 69 -4.91 17.34 -5.94
CA THR A 69 -5.96 17.59 -4.97
C THR A 69 -6.90 16.39 -4.86
N GLY A 70 -7.12 15.93 -3.64
CA GLY A 70 -8.02 14.80 -3.43
C GLY A 70 -9.31 15.33 -2.85
N SER A 71 -10.44 14.77 -3.26
CA SER A 71 -11.72 15.22 -2.75
C SER A 71 -12.72 14.07 -2.70
N GLY A 72 -13.89 14.33 -2.14
CA GLY A 72 -14.91 13.30 -2.05
C GLY A 72 -15.12 12.79 -0.64
N SER A 73 -16.18 12.01 -0.46
CA SER A 73 -16.47 11.46 0.86
C SER A 73 -17.40 10.24 0.69
N GLY A 74 -17.49 9.43 1.74
CA GLY A 74 -18.35 8.27 1.69
C GLY A 74 -17.87 7.17 0.75
N THR A 75 -18.42 7.15 -0.46
CA THR A 75 -18.06 6.15 -1.44
C THR A 75 -17.54 6.75 -2.74
N ASP A 76 -17.61 8.07 -2.87
CA ASP A 76 -17.20 8.76 -4.08
C ASP A 76 -15.98 9.64 -3.89
N PHE A 77 -14.87 9.25 -4.51
CA PHE A 77 -13.64 10.01 -4.37
C PHE A 77 -13.02 10.42 -5.70
N THR A 78 -12.29 11.53 -5.68
CA THR A 78 -11.66 12.05 -6.89
C THR A 78 -10.25 12.56 -6.65
N LEU A 79 -9.38 12.35 -7.63
CA LEU A 79 -8.02 12.85 -7.57
C LEU A 79 -7.93 13.78 -8.77
N THR A 80 -7.59 15.04 -8.52
CA THR A 80 -7.49 16.01 -9.59
C THR A 80 -6.07 16.56 -9.72
N ILE A 81 -5.62 16.70 -10.95
CA ILE A 81 -4.30 17.26 -11.22
C ILE A 81 -4.58 18.53 -12.04
N SER A 82 -4.42 19.68 -11.40
CA SER A 82 -4.68 20.97 -12.02
C SER A 82 -3.96 21.19 -13.35
N SER A 83 -2.70 20.80 -13.41
CA SER A 83 -1.90 20.96 -14.62
C SER A 83 -0.86 19.86 -14.67
N VAL A 84 -1.08 18.90 -15.56
CA VAL A 84 -0.17 17.76 -15.71
C VAL A 84 1.26 18.15 -16.10
N GLN A 85 2.21 17.54 -15.39
CA GLN A 85 3.64 17.76 -15.64
C GLN A 85 4.18 16.42 -16.15
N ALA A 86 5.26 16.46 -16.93
CA ALA A 86 5.85 15.25 -17.47
C ALA A 86 6.13 14.22 -16.38
N GLU A 87 6.56 14.68 -15.21
CA GLU A 87 6.88 13.78 -14.11
C GLU A 87 5.65 13.08 -13.54
N ASP A 88 4.47 13.47 -14.01
CA ASP A 88 3.23 12.88 -13.52
C ASP A 88 2.78 11.61 -14.26
N LEU A 89 3.52 11.23 -15.30
CA LEU A 89 3.17 10.01 -16.04
C LEU A 89 3.37 8.86 -15.07
N ALA A 90 2.29 8.13 -14.79
CA ALA A 90 2.35 7.02 -13.84
C ALA A 90 0.94 6.46 -13.67
N VAL A 91 0.81 5.47 -12.80
CA VAL A 91 -0.48 4.86 -12.51
C VAL A 91 -0.91 5.36 -11.14
N TYR A 92 -2.14 5.83 -11.02
CA TYR A 92 -2.62 6.32 -9.74
C TYR A 92 -3.60 5.33 -9.13
N TYR A 93 -3.33 4.92 -7.89
CA TYR A 93 -4.17 3.96 -7.19
C TYR A 93 -4.82 4.55 -5.94
N CYS A 94 -6.08 4.18 -5.68
CA CYS A 94 -6.73 4.62 -4.46
C CYS A 94 -6.79 3.37 -3.60
N GLN A 95 -6.87 3.54 -2.29
CA GLN A 95 -6.85 2.40 -1.39
C GLN A 95 -7.81 2.54 -0.22
N ASN A 96 -8.55 1.47 0.04
CA ASN A 96 -9.47 1.40 1.17
C ASN A 96 -8.56 1.14 2.36
N ASP A 97 -8.48 2.11 3.26
CA ASP A 97 -7.66 1.98 4.46
C ASP A 97 -8.62 2.02 5.64
N TYR A 98 -9.88 1.71 5.38
CA TYR A 98 -10.92 1.73 6.41
C TYR A 98 -11.08 0.45 7.22
N SER A 99 -11.21 -0.67 6.53
CA SER A 99 -11.37 -1.96 7.19
C SER A 99 -10.65 -3.09 6.43
N TYR A 100 -10.40 -4.18 7.13
CA TYR A 100 -9.70 -5.33 6.56
C TYR A 100 -10.58 -6.22 5.69
N PRO A 101 -10.01 -6.78 4.61
CA PRO A 101 -8.61 -6.58 4.21
C PRO A 101 -8.43 -5.27 3.46
N LEU A 102 -7.26 -4.65 3.58
CA LEU A 102 -7.02 -3.40 2.86
C LEU A 102 -7.10 -3.76 1.38
N THR A 103 -7.73 -2.92 0.58
CA THR A 103 -7.87 -3.20 -0.85
C THR A 103 -7.53 -1.99 -1.71
N PHE A 104 -7.10 -2.26 -2.94
CA PHE A 104 -6.72 -1.21 -3.87
C PHE A 104 -7.56 -1.26 -5.13
N GLY A 105 -7.67 -0.12 -5.80
CA GLY A 105 -8.39 -0.08 -7.06
C GLY A 105 -7.44 -0.57 -8.13
N ALA A 106 -7.92 -0.74 -9.36
CA ALA A 106 -7.08 -1.21 -10.46
C ALA A 106 -6.24 -0.09 -11.05
N GLY A 107 -6.45 1.12 -10.53
CA GLY A 107 -5.70 2.28 -10.98
C GLY A 107 -6.12 2.96 -12.27
N THR A 108 -5.63 4.19 -12.44
CA THR A 108 -5.86 4.98 -13.63
C THR A 108 -4.47 5.30 -14.15
N LYS A 109 -4.16 4.83 -15.35
CA LYS A 109 -2.85 5.08 -15.93
C LYS A 109 -2.84 6.33 -16.81
N LEU A 110 -1.95 7.25 -16.51
CA LEU A 110 -1.82 8.47 -17.30
C LEU A 110 -0.73 8.14 -18.30
N GLU A 111 -1.09 8.18 -19.59
CA GLU A 111 -0.15 7.84 -20.64
C GLU A 111 0.13 8.98 -21.61
N PRO A 112 1.29 8.95 -22.28
CA PRO A 112 1.71 9.97 -23.24
C PRO A 112 0.94 9.81 -24.56
N GLU B 1 15.89 10.96 8.30
CA GLU B 1 15.79 10.16 7.04
C GLU B 1 15.27 8.77 7.40
N VAL B 2 14.21 8.35 6.72
CA VAL B 2 13.60 7.05 6.97
C VAL B 2 13.43 6.25 5.69
N GLN B 3 13.80 4.98 5.74
CA GLN B 3 13.68 4.11 4.58
C GLN B 3 13.51 2.64 4.95
N LEU B 4 13.07 1.85 3.98
CA LEU B 4 12.88 0.42 4.15
C LEU B 4 13.74 -0.26 3.08
N GLN B 5 14.65 -1.13 3.53
CA GLN B 5 15.56 -1.82 2.64
C GLN B 5 15.09 -3.24 2.38
N GLN B 6 14.87 -3.59 1.12
CA GLN B 6 14.41 -4.93 0.80
C GLN B 6 15.45 -5.82 0.15
N SER B 7 15.37 -7.12 0.46
CA SER B 7 16.32 -8.08 -0.07
C SER B 7 16.32 -8.25 -1.59
N GLY B 8 17.39 -8.85 -2.10
CA GLY B 8 17.54 -9.05 -3.53
C GLY B 8 16.63 -10.04 -4.21
N ALA B 9 16.59 -9.96 -5.54
CA ALA B 9 15.77 -10.83 -6.37
C ALA B 9 15.96 -12.29 -6.00
N GLU B 10 14.86 -13.03 -6.00
CA GLU B 10 14.87 -14.45 -5.67
C GLU B 10 14.31 -15.31 -6.80
N LEU B 11 15.11 -16.29 -7.22
CA LEU B 11 14.68 -17.23 -8.25
C LEU B 11 14.50 -18.50 -7.46
N VAL B 12 13.25 -18.97 -7.33
CA VAL B 12 12.97 -20.15 -6.53
C VAL B 12 12.14 -21.22 -7.23
N ARG B 13 12.48 -22.48 -6.98
CA ARG B 13 11.78 -23.60 -7.57
C ARG B 13 10.41 -23.81 -6.94
N PRO B 14 9.44 -24.32 -7.73
CA PRO B 14 8.09 -24.58 -7.23
C PRO B 14 8.16 -25.57 -6.07
N GLY B 15 7.30 -25.39 -5.08
CA GLY B 15 7.28 -26.30 -3.94
C GLY B 15 8.17 -25.88 -2.80
N ALA B 16 9.10 -24.98 -3.06
CA ALA B 16 10.02 -24.50 -2.04
C ALA B 16 9.40 -23.31 -1.33
N SER B 17 10.14 -22.75 -0.37
CA SER B 17 9.70 -21.59 0.37
C SER B 17 10.78 -20.52 0.24
N VAL B 18 10.41 -19.27 0.48
CA VAL B 18 11.38 -18.20 0.41
C VAL B 18 11.03 -17.16 1.46
N LYS B 19 12.04 -16.56 2.08
CA LYS B 19 11.81 -15.54 3.09
C LYS B 19 12.44 -14.24 2.64
N LEU B 20 11.61 -13.21 2.50
CA LEU B 20 12.04 -11.89 2.08
C LEU B 20 12.25 -11.03 3.30
N SER B 21 13.23 -10.12 3.24
CA SER B 21 13.51 -9.25 4.37
C SER B 21 13.25 -7.78 4.03
N CYS B 22 12.90 -7.02 5.06
CA CYS B 22 12.59 -5.61 4.94
C CYS B 22 13.21 -4.96 6.18
N THR B 23 14.39 -4.38 5.99
CA THR B 23 15.10 -3.74 7.10
C THR B 23 14.83 -2.25 7.15
N ALA B 24 14.38 -1.78 8.30
CA ALA B 24 14.06 -0.38 8.49
C ALA B 24 15.32 0.36 8.92
N SER B 25 15.42 1.62 8.51
CA SER B 25 16.57 2.45 8.84
C SER B 25 16.05 3.86 9.11
N GLY B 26 16.41 4.42 10.25
CA GLY B 26 15.94 5.75 10.59
C GLY B 26 14.86 5.72 11.66
N PHE B 27 14.33 4.53 11.93
CA PHE B 27 13.28 4.37 12.95
C PHE B 27 13.25 2.92 13.42
N ASN B 28 12.64 2.69 14.58
CA ASN B 28 12.54 1.35 15.14
C ASN B 28 11.17 0.79 14.78
N ILE B 29 11.14 -0.42 14.23
CA ILE B 29 9.87 -1.01 13.82
C ILE B 29 8.89 -1.33 14.94
N LYS B 30 9.33 -1.24 16.20
CA LYS B 30 8.41 -1.52 17.29
C LYS B 30 7.34 -0.43 17.37
N ASP B 31 7.57 0.68 16.68
CA ASP B 31 6.62 1.79 16.67
C ASP B 31 5.83 1.84 15.36
N ASP B 32 5.85 0.75 14.60
CA ASP B 32 5.16 0.71 13.32
C ASP B 32 4.58 -0.64 12.94
N PHE B 33 3.42 -0.62 12.28
CA PHE B 33 2.84 -1.86 11.78
C PHE B 33 3.63 -2.06 10.49
N MET B 34 4.08 -3.28 10.21
CA MET B 34 4.85 -3.54 9.01
C MET B 34 3.98 -4.36 8.06
N HIS B 35 3.76 -3.81 6.86
CA HIS B 35 2.90 -4.42 5.84
C HIS B 35 3.63 -5.02 4.65
N TRP B 36 2.97 -5.98 4.00
CA TRP B 36 3.50 -6.60 2.79
C TRP B 36 2.40 -6.52 1.73
N VAL B 37 2.79 -6.18 0.50
CA VAL B 37 1.86 -6.04 -0.61
C VAL B 37 2.45 -6.74 -1.83
N LYS B 38 1.60 -7.44 -2.57
CA LYS B 38 2.00 -8.16 -3.78
C LYS B 38 1.54 -7.46 -5.06
N GLN B 39 2.32 -7.56 -6.11
CA GLN B 39 1.96 -6.97 -7.39
C GLN B 39 2.48 -7.82 -8.54
N ARG B 40 1.56 -8.54 -9.18
CA ARG B 40 1.93 -9.40 -10.30
C ARG B 40 2.26 -8.54 -11.52
N PRO B 41 3.09 -9.07 -12.44
CA PRO B 41 3.47 -8.34 -13.64
C PRO B 41 2.27 -7.75 -14.37
N GLU B 42 2.30 -6.45 -14.59
CA GLU B 42 1.25 -5.72 -15.29
C GLU B 42 -0.07 -5.70 -14.53
N GLN B 43 -0.04 -6.06 -13.26
CA GLN B 43 -1.26 -6.08 -12.45
C GLN B 43 -1.28 -5.06 -11.32
N GLY B 44 -2.38 -5.06 -10.56
CA GLY B 44 -2.55 -4.14 -9.46
C GLY B 44 -1.92 -4.61 -8.16
N LEU B 45 -2.20 -3.86 -7.09
CA LEU B 45 -1.66 -4.13 -5.77
C LEU B 45 -2.58 -5.02 -4.93
N GLU B 46 -2.00 -6.00 -4.27
CA GLU B 46 -2.75 -6.92 -3.42
C GLU B 46 -2.16 -6.92 -2.01
N TRP B 47 -2.94 -6.48 -1.03
CA TRP B 47 -2.46 -6.46 0.35
C TRP B 47 -2.34 -7.90 0.85
N ILE B 48 -1.21 -8.21 1.48
CA ILE B 48 -1.00 -9.56 1.99
C ILE B 48 -1.32 -9.62 3.48
N GLY B 49 -0.81 -8.66 4.24
CA GLY B 49 -1.06 -8.63 5.67
C GLY B 49 -0.09 -7.71 6.38
N ARG B 50 -0.13 -7.71 7.71
CA ARG B 50 0.76 -6.87 8.49
C ARG B 50 1.02 -7.47 9.85
N ILE B 51 2.04 -6.94 10.53
CA ILE B 51 2.39 -7.39 11.86
C ILE B 51 2.74 -6.18 12.73
N ASP B 52 2.43 -6.29 14.01
CA ASP B 52 2.74 -5.26 14.99
C ASP B 52 3.95 -5.86 15.71
N PRO B 53 5.16 -5.37 15.40
CA PRO B 53 6.38 -5.88 16.02
C PRO B 53 6.43 -5.80 17.55
N ALA B 54 5.67 -4.87 18.12
CA ALA B 54 5.66 -4.71 19.58
C ALA B 54 5.09 -5.93 20.31
N ASN B 55 4.07 -6.56 19.74
CA ASN B 55 3.45 -7.72 20.36
C ASN B 55 3.25 -8.90 19.41
N ASP B 56 3.76 -8.76 18.18
CA ASP B 56 3.64 -9.80 17.17
C ASP B 56 2.21 -10.09 16.73
N ASN B 57 1.32 -9.11 16.91
CA ASN B 57 -0.06 -9.28 16.50
C ASN B 57 -0.11 -9.17 14.98
N THR B 58 -0.68 -10.19 14.33
CA THR B 58 -0.75 -10.19 12.87
C THR B 58 -2.17 -10.16 12.33
N LYS B 59 -2.29 -9.78 11.06
CA LYS B 59 -3.56 -9.73 10.36
C LYS B 59 -3.26 -10.02 8.90
N TYR B 60 -3.93 -11.01 8.32
CA TYR B 60 -3.71 -11.35 6.92
C TYR B 60 -4.97 -11.20 6.08
N ALA B 61 -4.78 -11.04 4.78
CA ALA B 61 -5.91 -10.98 3.87
C ALA B 61 -6.23 -12.46 3.80
N PRO B 62 -7.51 -12.84 3.84
CA PRO B 62 -7.87 -14.26 3.78
C PRO B 62 -7.17 -15.08 2.69
N LYS B 63 -7.13 -14.55 1.47
CA LYS B 63 -6.50 -15.27 0.36
C LYS B 63 -5.03 -15.60 0.55
N PHE B 64 -4.36 -14.92 1.48
CA PHE B 64 -2.93 -15.17 1.72
C PHE B 64 -2.64 -15.92 3.02
N GLN B 65 -3.67 -16.14 3.82
CA GLN B 65 -3.54 -16.83 5.11
C GLN B 65 -2.77 -18.15 5.03
N ASP B 66 -3.02 -18.92 3.98
CA ASP B 66 -2.39 -20.22 3.79
C ASP B 66 -1.07 -20.16 3.01
N LYS B 67 -0.71 -18.97 2.56
CA LYS B 67 0.50 -18.78 1.76
C LYS B 67 1.61 -18.00 2.44
N ALA B 68 1.24 -16.94 3.15
CA ALA B 68 2.23 -16.07 3.78
C ALA B 68 2.29 -16.09 5.30
N THR B 69 3.49 -15.83 5.81
CA THR B 69 3.74 -15.76 7.24
C THR B 69 4.57 -14.49 7.42
N ILE B 70 4.06 -13.55 8.21
CA ILE B 70 4.78 -12.30 8.44
C ILE B 70 5.34 -12.32 9.85
N ILE B 71 6.64 -12.05 9.95
CA ILE B 71 7.31 -12.02 11.24
C ILE B 71 8.22 -10.82 11.37
N ALA B 72 8.63 -10.53 12.59
CA ALA B 72 9.49 -9.37 12.84
C ALA B 72 10.56 -9.67 13.87
N ASP B 73 11.72 -9.03 13.70
CA ASP B 73 12.83 -9.17 14.62
C ASP B 73 13.21 -7.75 15.00
N THR B 74 12.79 -7.32 16.19
CA THR B 74 13.09 -5.97 16.63
C THR B 74 14.58 -5.72 16.82
N SER B 75 15.32 -6.76 17.21
CA SER B 75 16.76 -6.63 17.42
C SER B 75 17.48 -6.19 16.15
N SER B 76 17.13 -6.78 15.01
CA SER B 76 17.75 -6.43 13.75
C SER B 76 16.91 -5.41 13.00
N ASN B 77 15.83 -4.96 13.64
CA ASN B 77 14.94 -3.97 13.06
C ASN B 77 14.50 -4.39 11.66
N THR B 78 14.14 -5.67 11.53
CA THR B 78 13.74 -6.22 10.23
C THR B 78 12.41 -6.96 10.28
N ALA B 79 11.60 -6.77 9.25
CA ALA B 79 10.32 -7.46 9.13
C ALA B 79 10.52 -8.49 8.01
N TYR B 80 9.78 -9.59 8.06
CA TYR B 80 9.95 -10.64 7.04
C TYR B 80 8.64 -11.17 6.49
N LEU B 81 8.72 -11.71 5.28
CA LEU B 81 7.56 -12.32 4.63
C LEU B 81 8.02 -13.68 4.14
N GLN B 82 7.41 -14.74 4.65
CA GLN B 82 7.77 -16.06 4.18
C GLN B 82 6.63 -16.62 3.36
N LEU B 83 6.94 -17.02 2.13
CA LEU B 83 5.97 -17.59 1.23
C LEU B 83 6.22 -19.09 1.18
N SER B 84 5.18 -19.89 1.45
CA SER B 84 5.31 -21.34 1.45
C SER B 84 4.74 -21.97 0.17
N SER B 85 5.09 -23.24 -0.07
CA SER B 85 4.61 -23.99 -1.23
C SER B 85 4.49 -23.13 -2.48
N LEU B 86 5.62 -22.59 -2.92
CA LEU B 86 5.66 -21.72 -4.09
C LEU B 86 5.14 -22.31 -5.39
N THR B 87 4.46 -21.47 -6.16
CA THR B 87 3.95 -21.85 -7.47
C THR B 87 4.24 -20.66 -8.37
N SER B 88 4.09 -20.83 -9.68
CA SER B 88 4.36 -19.76 -10.62
C SER B 88 3.47 -18.54 -10.36
N GLU B 89 2.31 -18.77 -9.73
CA GLU B 89 1.39 -17.68 -9.42
C GLU B 89 1.95 -16.75 -8.35
N ASP B 90 2.98 -17.20 -7.66
CA ASP B 90 3.60 -16.39 -6.62
C ASP B 90 4.63 -15.44 -7.22
N THR B 91 4.84 -15.57 -8.54
CA THR B 91 5.78 -14.71 -9.24
C THR B 91 5.22 -13.29 -9.22
N ALA B 92 5.96 -12.38 -8.58
CA ALA B 92 5.51 -11.00 -8.47
C ALA B 92 6.53 -10.18 -7.72
N VAL B 93 6.26 -8.89 -7.59
CA VAL B 93 7.12 -8.00 -6.83
C VAL B 93 6.43 -7.89 -5.47
N TYR B 94 7.20 -8.01 -4.40
CA TYR B 94 6.65 -7.91 -3.06
C TYR B 94 7.21 -6.67 -2.38
N TYR B 95 6.32 -5.78 -1.97
CA TYR B 95 6.71 -4.54 -1.31
C TYR B 95 6.40 -4.61 0.17
N CYS B 96 7.22 -3.95 0.97
CA CYS B 96 6.92 -3.85 2.38
C CYS B 96 6.66 -2.36 2.58
N ALA B 97 5.85 -2.03 3.57
CA ALA B 97 5.52 -0.64 3.85
C ALA B 97 5.29 -0.54 5.34
N ARG B 98 5.38 0.67 5.86
CA ARG B 98 5.19 0.86 7.30
C ARG B 98 4.04 1.80 7.59
N ARG B 99 3.49 1.69 8.79
CA ARG B 99 2.46 2.61 9.24
C ARG B 99 2.96 3.00 10.62
N GLU B 100 3.36 4.26 10.79
CA GLU B 100 3.84 4.68 12.10
C GLU B 100 2.67 4.84 13.06
N LEU B 101 2.96 4.67 14.34
CA LEU B 101 1.92 4.73 15.37
C LEU B 101 1.91 5.95 16.28
N TYR B 102 2.82 6.90 16.07
CA TYR B 102 2.83 8.10 16.90
C TYR B 102 1.69 9.04 16.52
N SER B 103 1.29 9.02 15.26
CA SER B 103 0.19 9.85 14.80
C SER B 103 -1.10 9.13 15.15
N TYR B 104 -2.14 9.90 15.49
CA TYR B 104 -3.44 9.30 15.80
C TYR B 104 -3.74 8.34 14.64
N TYR B 105 -3.45 8.82 13.43
CA TYR B 105 -3.63 8.02 12.23
C TYR B 105 -2.61 8.45 11.20
N SER B 106 -2.02 7.47 10.54
CA SER B 106 -1.04 7.73 9.48
C SER B 106 -1.27 6.65 8.43
N PRO B 107 -1.15 7.01 7.14
CA PRO B 107 -1.35 6.03 6.08
C PRO B 107 -0.06 5.22 5.90
N LEU B 108 0.00 4.42 4.85
CA LEU B 108 1.20 3.64 4.57
C LEU B 108 2.05 4.65 3.81
N ASP B 109 2.87 5.40 4.56
CA ASP B 109 3.69 6.47 3.99
C ASP B 109 5.08 6.15 3.48
N VAL B 110 5.69 5.08 3.98
CA VAL B 110 7.02 4.70 3.54
C VAL B 110 7.01 3.28 2.98
N TRP B 111 7.55 3.12 1.78
CA TRP B 111 7.58 1.82 1.11
C TRP B 111 8.99 1.42 0.68
N GLY B 112 9.22 0.11 0.65
CA GLY B 112 10.50 -0.41 0.21
C GLY B 112 10.49 -0.46 -1.32
N ALA B 113 11.66 -0.67 -1.91
CA ALA B 113 11.80 -0.71 -3.37
C ALA B 113 11.19 -1.97 -3.99
N GLY B 114 10.84 -2.93 -3.15
CA GLY B 114 10.26 -4.17 -3.64
C GLY B 114 11.28 -5.25 -3.93
N THR B 115 10.86 -6.51 -3.79
CA THR B 115 11.70 -7.68 -4.06
C THR B 115 10.94 -8.54 -5.06
N THR B 116 11.59 -8.87 -6.17
CA THR B 116 10.93 -9.70 -7.17
C THR B 116 11.25 -11.18 -6.92
N VAL B 117 10.20 -11.98 -6.84
CA VAL B 117 10.32 -13.41 -6.65
C VAL B 117 9.84 -14.02 -7.96
N THR B 118 10.65 -14.91 -8.53
CA THR B 118 10.29 -15.55 -9.79
C THR B 118 10.27 -17.07 -9.62
N VAL B 119 9.12 -17.67 -9.88
CA VAL B 119 8.96 -19.12 -9.77
C VAL B 119 8.54 -19.60 -11.16
N PRO B 120 9.44 -20.29 -11.87
CA PRO B 120 9.13 -20.79 -13.22
C PRO B 120 7.96 -21.75 -13.30
N SER B 121 7.36 -21.84 -14.48
CA SER B 121 6.23 -22.74 -14.72
C SER B 121 6.74 -24.16 -14.97
N VAL C 1 -12.31 -2.64 12.05
CA VAL C 1 -11.96 -1.31 11.49
C VAL C 1 -10.49 -1.02 11.78
N VAL C 2 -9.77 -0.54 10.78
CA VAL C 2 -8.35 -0.23 10.94
C VAL C 2 -8.05 0.71 12.10
N GLN C 3 -8.78 1.81 12.19
CA GLN C 3 -8.53 2.76 13.27
C GLN C 3 -8.67 2.11 14.64
N GLU C 4 -9.63 1.18 14.76
CA GLU C 4 -9.84 0.50 16.03
C GLU C 4 -8.64 -0.37 16.36
N ALA C 5 -8.04 -0.96 15.33
CA ALA C 5 -6.88 -1.81 15.51
C ALA C 5 -5.71 -0.97 16.00
N LEU C 6 -5.59 0.23 15.44
CA LEU C 6 -4.51 1.13 15.83
C LEU C 6 -4.72 1.60 17.27
N ASP C 7 -5.97 1.92 17.60
CA ASP C 7 -6.30 2.38 18.95
C ASP C 7 -6.00 1.30 19.98
N LYS C 8 -6.49 0.09 19.73
CA LYS C 8 -6.27 -1.02 20.66
C LYS C 8 -4.79 -1.32 20.86
N ALA C 9 -4.03 -1.29 19.77
CA ALA C 9 -2.60 -1.56 19.86
C ALA C 9 -1.93 -0.60 20.83
N ARG C 10 -2.19 0.69 20.68
CA ARG C 10 -1.60 1.70 21.54
C ARG C 10 -2.16 1.73 22.96
N GLU C 11 -3.32 1.11 23.15
CA GLU C 11 -3.95 1.08 24.48
C GLU C 11 -3.59 -0.20 25.23
N GLY C 12 -2.83 -1.07 24.58
CA GLY C 12 -2.45 -2.33 25.21
C GLY C 12 -3.60 -3.31 25.27
N ARG C 13 -4.62 -3.05 24.46
CA ARG C 13 -5.80 -3.92 24.40
C ARG C 13 -5.73 -4.81 23.17
S SO4 D . -22.79 8.33 -7.40
O1 SO4 D . -21.98 7.42 -8.22
O2 SO4 D . -24.20 8.23 -7.80
O3 SO4 D . -22.66 7.94 -5.98
O4 SO4 D . -22.33 9.72 -7.58
#